data_7PS3
#
_entry.id   7PS3
#
_cell.length_a   60.583
_cell.length_b   66.848
_cell.length_c   135.015
_cell.angle_alpha   90.000
_cell.angle_beta   90.000
_cell.angle_gamma   90.000
#
_symmetry.space_group_name_H-M   'P 21 21 21'
#
loop_
_entity.id
_entity.type
_entity.pdbx_description
1 polymer 'Beta-32 heavy chain'
2 polymer 'Beta-32 light chain'
3 non-polymer D-MALATE
4 non-polymer GLYCEROL
5 non-polymer 'CHLORIDE ION'
6 water water
#
loop_
_entity_poly.entity_id
_entity_poly.type
_entity_poly.pdbx_seq_one_letter_code
_entity_poly.pdbx_strand_id
1 'polypeptide(L)'
;EVQLVQSGAEVKKPGASVKVSCKASGYTFTGYYMHWVRQAPGQGLEWMGWINPNSGGTNYAQKFQGRVTMTRDTSITTGY
MELSSLRSDDTALYYCARVGAHDYYDSSDNWFDPWGQGTLVTVFSASTKGPSVFPLAPSSKSTSGGTAALGCLVKDYFPE
PVTVSWNSGALTSGVHTFPAVLQSSGLYSLSSVVTVPSSSLGTQTYICNVNHKPSNTKVDKKVEPKSCDK
;
H
2 'polypeptide(L)'
;DIQMTQSPSSVSASVGDRLTITCRASQGISSWLAWYQQKPGKAPKLLIYAASSLQSGVPSRFSGSGSGTDFTLTISSLQP
EDFATYYCQQANSFPWTFGQGTKVEIKRTVAAPSVFIFPPSDEQLKSGTASVVCLLNNFYPREAKVQWKVDNALQSGNSQ
ESVTEQDSKDSTYSLSSTLTLSKADYEKHKVYACEVTHQGLSSPVTKSFNRGEC
;
L
#
loop_
_chem_comp.id
_chem_comp.type
_chem_comp.name
_chem_comp.formula
CL non-polymer 'CHLORIDE ION' 'Cl -1'
GOL non-polymer GLYCEROL 'C3 H8 O3'
MLT non-polymer D-MALATE 'C4 H6 O5'
#
# COMPACT_ATOMS: atom_id res chain seq x y z
N GLU A 1 11.75 20.10 -6.58
CA GLU A 1 11.76 18.69 -6.20
C GLU A 1 11.95 17.80 -7.42
N VAL A 2 12.84 16.82 -7.29
CA VAL A 2 12.95 15.75 -8.28
C VAL A 2 11.75 14.83 -8.09
N GLN A 3 10.99 14.61 -9.16
CA GLN A 3 9.93 13.63 -9.03
C GLN A 3 9.67 12.95 -10.36
N LEU A 4 9.15 11.73 -10.24
CA LEU A 4 8.70 10.91 -11.35
C LEU A 4 7.23 10.60 -11.09
N VAL A 5 6.34 11.02 -11.99
CA VAL A 5 4.90 10.84 -11.79
C VAL A 5 4.38 9.96 -12.90
N GLN A 6 3.84 8.80 -12.54
CA GLN A 6 3.41 7.81 -13.52
C GLN A 6 1.93 7.93 -13.84
N SER A 7 1.55 7.36 -14.98
CA SER A 7 0.14 7.34 -15.35
C SER A 7 -0.64 6.35 -14.48
N GLY A 8 -1.97 6.40 -14.62
CA GLY A 8 -2.84 5.66 -13.71
C GLY A 8 -2.96 4.17 -14.02
N ALA A 9 -3.44 3.45 -13.02
CA ALA A 9 -3.67 2.01 -13.16
C ALA A 9 -4.62 1.70 -14.32
N GLU A 10 -4.43 0.52 -14.91
CA GLU A 10 -5.23 0.09 -16.05
C GLU A 10 -5.50 -1.41 -15.96
N VAL A 11 -6.64 -1.82 -16.50
CA VAL A 11 -6.93 -3.23 -16.76
C VAL A 11 -6.80 -3.46 -18.26
N LYS A 12 -6.18 -4.58 -18.63
CA LYS A 12 -5.96 -4.93 -20.03
C LYS A 12 -6.26 -6.41 -20.22
N LYS A 13 -6.83 -6.76 -21.38
CA LYS A 13 -7.14 -8.14 -21.66
C LYS A 13 -5.86 -8.91 -21.98
N PRO A 14 -5.81 -10.21 -21.65
CA PRO A 14 -4.68 -11.02 -22.08
C PRO A 14 -4.49 -10.92 -23.59
N GLY A 15 -3.24 -10.80 -24.01
CA GLY A 15 -2.91 -10.61 -25.41
C GLY A 15 -2.81 -9.16 -25.85
N ALA A 16 -3.34 -8.23 -25.06
CA ALA A 16 -3.28 -6.82 -25.39
C ALA A 16 -1.92 -6.25 -24.98
N SER A 17 -1.79 -4.94 -25.13
CA SER A 17 -0.59 -4.23 -24.71
C SER A 17 -0.98 -3.10 -23.79
N VAL A 18 -0.02 -2.68 -22.97
CA VAL A 18 -0.20 -1.54 -22.07
C VAL A 18 0.97 -0.60 -22.27
N LYS A 19 0.71 0.70 -22.14
CA LYS A 19 1.77 1.71 -22.27
C LYS A 19 1.68 2.62 -21.05
N VAL A 20 2.69 2.54 -20.19
CA VAL A 20 2.75 3.30 -18.95
C VAL A 20 3.67 4.48 -19.19
N SER A 21 3.31 5.66 -18.67
CA SER A 21 4.16 6.83 -18.81
C SER A 21 4.74 7.24 -17.47
N CYS A 22 5.84 7.96 -17.55
CA CYS A 22 6.59 8.40 -16.38
C CYS A 22 7.07 9.82 -16.68
N LYS A 23 6.36 10.81 -16.14
CA LYS A 23 6.68 12.22 -16.33
C LYS A 23 7.75 12.65 -15.32
N ALA A 24 8.89 13.10 -15.81
CA ALA A 24 9.97 13.54 -14.95
C ALA A 24 9.90 15.06 -14.78
N SER A 25 10.23 15.54 -13.59
CA SER A 25 10.38 16.97 -13.41
C SER A 25 11.42 17.24 -12.34
N GLY A 26 11.99 18.45 -12.39
CA GLY A 26 12.90 18.90 -11.34
C GLY A 26 14.35 18.46 -11.51
N TYR A 27 14.73 17.96 -12.67
CA TYR A 27 16.11 17.58 -12.93
C TYR A 27 16.35 17.59 -14.44
N THR A 28 17.62 17.54 -14.82
CA THR A 28 18.02 17.55 -16.23
C THR A 28 17.61 16.23 -16.87
N PHE A 29 16.55 16.26 -17.68
CA PHE A 29 15.93 15.01 -18.15
C PHE A 29 16.90 14.13 -18.93
N THR A 30 17.67 14.74 -19.86
CA THR A 30 18.56 13.91 -20.68
C THR A 30 19.81 13.49 -19.95
N GLY A 31 19.96 13.87 -18.68
CA GLY A 31 21.18 13.58 -17.94
C GLY A 31 21.15 12.34 -17.08
N TYR A 32 20.06 11.57 -17.12
CA TYR A 32 19.91 10.38 -16.29
C TYR A 32 19.19 9.30 -17.10
N TYR A 33 19.59 8.03 -16.91
CA TYR A 33 18.78 6.94 -17.43
C TYR A 33 17.45 6.87 -16.70
N MET A 34 16.45 6.33 -17.40
CA MET A 34 15.19 5.93 -16.78
C MET A 34 15.08 4.41 -16.87
N HIS A 35 14.91 3.77 -15.73
CA HIS A 35 14.78 2.31 -15.64
C HIS A 35 13.34 1.97 -15.28
N TRP A 36 12.96 0.73 -15.57
CA TRP A 36 11.67 0.21 -15.15
C TRP A 36 11.89 -1.06 -14.34
N VAL A 37 11.15 -1.16 -13.23
CA VAL A 37 11.23 -2.28 -12.30
C VAL A 37 9.79 -2.63 -11.95
N ARG A 38 9.47 -3.92 -11.94
CA ARG A 38 8.09 -4.29 -11.62
C ARG A 38 8.05 -5.19 -10.39
N GLN A 39 6.87 -5.22 -9.76
CA GLN A 39 6.67 -5.92 -8.49
C GLN A 39 5.38 -6.72 -8.59
N ALA A 40 5.52 -8.04 -8.63
CA ALA A 40 4.41 -8.98 -8.76
C ALA A 40 3.75 -9.19 -7.39
N PRO A 41 2.65 -9.97 -7.34
CA PRO A 41 1.99 -10.22 -6.03
C PRO A 41 2.91 -10.64 -4.90
N GLY A 42 3.89 -11.50 -5.15
CA GLY A 42 4.78 -11.97 -4.09
C GLY A 42 5.78 -10.94 -3.60
N GLN A 43 5.64 -9.70 -4.08
CA GLN A 43 6.39 -8.52 -3.66
C GLN A 43 7.88 -8.57 -4.05
N GLY A 44 8.33 -9.57 -4.79
CA GLY A 44 9.67 -9.51 -5.34
C GLY A 44 9.79 -8.38 -6.35
N LEU A 45 10.99 -7.82 -6.46
CA LEU A 45 11.29 -6.77 -7.43
C LEU A 45 12.06 -7.35 -8.60
N GLU A 46 11.69 -6.91 -9.81
CA GLU A 46 12.23 -7.49 -11.04
C GLU A 46 12.58 -6.37 -12.01
N TRP A 47 13.89 -6.23 -12.30
CA TRP A 47 14.34 -5.21 -13.24
C TRP A 47 13.94 -5.56 -14.67
N MET A 48 13.45 -4.57 -15.41
CA MET A 48 12.97 -4.78 -16.77
C MET A 48 13.90 -4.26 -17.86
N GLY A 49 14.56 -3.14 -17.63
CA GLY A 49 15.38 -2.51 -18.65
C GLY A 49 15.54 -1.03 -18.39
N TRP A 50 16.33 -0.40 -19.27
CA TRP A 50 16.53 1.05 -19.19
C TRP A 50 16.43 1.68 -20.56
N ILE A 51 16.15 2.98 -20.56
CA ILE A 51 16.31 3.82 -21.74
C ILE A 51 17.26 4.95 -21.37
N ASN A 52 18.18 5.23 -22.29
CA ASN A 52 19.04 6.40 -22.22
C ASN A 52 18.30 7.52 -22.93
N PRO A 53 17.75 8.52 -22.22
CA PRO A 53 16.95 9.54 -22.91
C PRO A 53 17.77 10.52 -23.70
N ASN A 54 19.10 10.50 -23.54
CA ASN A 54 19.98 11.35 -24.35
C ASN A 54 20.21 10.74 -25.73
N SER A 55 20.63 9.47 -25.79
CA SER A 55 20.87 8.80 -27.06
C SER A 55 19.66 8.09 -27.62
N GLY A 56 18.64 7.81 -26.80
CA GLY A 56 17.54 6.95 -27.20
C GLY A 56 17.84 5.46 -27.14
N GLY A 57 19.06 5.08 -26.79
CA GLY A 57 19.38 3.67 -26.67
C GLY A 57 18.64 3.01 -25.51
N THR A 58 18.47 1.69 -25.64
CA THR A 58 17.78 0.92 -24.62
C THR A 58 18.54 -0.38 -24.36
N ASN A 59 18.18 -1.02 -23.26
CA ASN A 59 18.68 -2.35 -22.94
C ASN A 59 17.62 -3.03 -22.09
N TYR A 60 17.17 -4.21 -22.52
CA TYR A 60 16.06 -4.89 -21.86
C TYR A 60 16.52 -6.19 -21.23
N ALA A 61 15.94 -6.53 -20.09
CA ALA A 61 16.16 -7.85 -19.52
C ALA A 61 15.75 -8.93 -20.52
N GLN A 62 16.52 -10.02 -20.57
CA GLN A 62 16.24 -11.07 -21.54
C GLN A 62 14.82 -11.58 -21.41
N LYS A 63 14.27 -11.57 -20.19
CA LYS A 63 12.91 -12.06 -19.96
C LYS A 63 11.87 -11.27 -20.75
N PHE A 64 12.09 -9.98 -20.96
CA PHE A 64 11.12 -9.13 -21.64
C PHE A 64 11.52 -8.78 -23.07
N GLN A 65 12.70 -9.21 -23.53
CA GLN A 65 13.15 -8.92 -24.88
C GLN A 65 12.13 -9.43 -25.90
N GLY A 66 11.79 -8.58 -26.87
CA GLY A 66 10.81 -8.91 -27.88
C GLY A 66 9.39 -8.56 -27.50
N ARG A 67 9.18 -8.17 -26.24
CA ARG A 67 7.86 -7.87 -25.71
C ARG A 67 7.76 -6.49 -25.07
N VAL A 68 8.86 -5.85 -24.75
CA VAL A 68 8.84 -4.55 -24.11
C VAL A 68 9.49 -3.54 -25.05
N THR A 69 8.99 -2.32 -25.00
CA THR A 69 9.59 -1.21 -25.73
C THR A 69 9.62 -0.01 -24.79
N MET A 70 10.79 0.58 -24.61
CA MET A 70 10.93 1.79 -23.82
C MET A 70 11.26 2.94 -24.76
N THR A 71 10.56 4.06 -24.59
CA THR A 71 10.74 5.24 -25.44
C THR A 71 10.72 6.48 -24.55
N ARG A 72 11.03 7.63 -25.14
CA ARG A 72 10.92 8.88 -24.41
C ARG A 72 10.53 10.00 -25.35
N ASP A 73 10.02 11.07 -24.76
CA ASP A 73 9.68 12.32 -25.45
C ASP A 73 10.38 13.41 -24.64
N THR A 74 11.56 13.83 -25.11
CA THR A 74 12.34 14.82 -24.37
C THR A 74 11.59 16.14 -24.24
N SER A 75 10.81 16.51 -25.25
CA SER A 75 10.12 17.81 -25.24
C SER A 75 9.14 17.93 -24.07
N ILE A 76 8.63 16.82 -23.56
CA ILE A 76 7.76 16.84 -22.38
C ILE A 76 8.35 16.01 -21.24
N THR A 77 9.66 15.75 -21.31
CA THR A 77 10.43 15.01 -20.31
C THR A 77 9.65 13.83 -19.74
N THR A 78 9.17 12.97 -20.64
CA THR A 78 8.38 11.80 -20.25
C THR A 78 8.99 10.54 -20.87
N GLY A 79 9.05 9.48 -20.06
CA GLY A 79 9.43 8.17 -20.54
C GLY A 79 8.22 7.25 -20.61
N TYR A 80 8.30 6.22 -21.46
CA TYR A 80 7.21 5.27 -21.64
C TYR A 80 7.74 3.85 -21.62
N MET A 81 6.93 2.94 -21.10
CA MET A 81 7.22 1.52 -21.13
C MET A 81 5.98 0.85 -21.69
N GLU A 82 6.13 0.17 -22.83
CA GLU A 82 5.03 -0.56 -23.46
C GLU A 82 5.33 -2.04 -23.41
N LEU A 83 4.43 -2.80 -22.80
CA LEU A 83 4.57 -4.25 -22.67
C LEU A 83 3.45 -4.88 -23.48
N SER A 84 3.81 -5.73 -24.44
CA SER A 84 2.83 -6.30 -25.36
CA SER A 84 2.85 -6.31 -25.38
C SER A 84 2.61 -7.78 -25.05
N SER A 85 1.61 -8.35 -25.72
CA SER A 85 1.23 -9.75 -25.53
C SER A 85 1.06 -10.09 -24.06
N LEU A 86 0.27 -9.27 -23.37
CA LEU A 86 0.14 -9.38 -21.93
C LEU A 86 -0.37 -10.76 -21.53
N ARG A 87 0.20 -11.30 -20.46
CA ARG A 87 -0.23 -12.57 -19.89
C ARG A 87 -0.60 -12.38 -18.43
N SER A 88 -1.23 -13.42 -17.86
CA SER A 88 -1.75 -13.32 -16.50
C SER A 88 -0.68 -12.88 -15.50
N ASP A 89 0.54 -13.41 -15.62
CA ASP A 89 1.56 -13.05 -14.66
C ASP A 89 2.28 -11.73 -15.01
N ASP A 90 1.75 -10.97 -15.97
CA ASP A 90 2.17 -9.58 -16.11
C ASP A 90 1.39 -8.65 -15.19
N THR A 91 0.42 -9.15 -14.44
CA THR A 91 -0.24 -8.32 -13.44
C THR A 91 0.77 -7.91 -12.36
N ALA A 92 1.02 -6.62 -12.24
CA ALA A 92 2.11 -6.17 -11.38
C ALA A 92 2.03 -4.67 -11.20
N LEU A 93 2.76 -4.20 -10.19
CA LEU A 93 3.04 -2.78 -10.02
C LEU A 93 4.29 -2.46 -10.80
N TYR A 94 4.18 -1.53 -11.74
CA TYR A 94 5.28 -1.14 -12.62
C TYR A 94 5.83 0.19 -12.14
N TYR A 95 7.13 0.25 -11.88
CA TYR A 95 7.79 1.46 -11.41
C TYR A 95 8.78 1.98 -12.45
N CYS A 96 8.84 3.30 -12.61
CA CYS A 96 10.00 3.93 -13.25
C CYS A 96 10.92 4.43 -12.15
N ALA A 97 12.22 4.50 -12.47
CA ALA A 97 13.19 4.96 -11.49
C ALA A 97 14.34 5.62 -12.23
N ARG A 98 14.93 6.63 -11.59
CA ARG A 98 16.02 7.40 -12.19
C ARG A 98 17.38 6.84 -11.77
N VAL A 99 18.29 6.72 -12.74
CA VAL A 99 19.65 6.23 -12.48
C VAL A 99 20.65 7.11 -13.21
N GLY A 100 21.64 7.63 -12.50
CA GLY A 100 22.53 8.60 -13.11
C GLY A 100 23.56 8.04 -14.08
N ALA A 101 24.17 6.91 -13.74
CA ALA A 101 25.19 6.32 -14.60
C ALA A 101 25.38 4.86 -14.20
N HIS A 102 25.99 4.08 -15.09
CA HIS A 102 26.13 2.65 -14.85
C HIS A 102 27.58 2.20 -14.62
N ASP A 103 28.49 3.12 -14.36
CA ASP A 103 29.90 2.72 -14.35
C ASP A 103 30.67 3.14 -13.10
N TYR A 104 30.01 3.67 -12.07
CA TYR A 104 30.74 4.22 -10.92
CA TYR A 104 30.74 4.24 -10.92
C TYR A 104 29.88 4.05 -9.67
N TYR A 105 30.09 2.92 -8.99
CA TYR A 105 29.22 2.53 -7.86
C TYR A 105 29.31 3.51 -6.69
N ASP A 106 30.40 4.26 -6.58
CA ASP A 106 30.67 5.05 -5.38
C ASP A 106 29.80 6.29 -5.26
N SER A 107 29.01 6.62 -6.28
CA SER A 107 28.18 7.83 -6.27
C SER A 107 26.73 7.49 -5.96
N SER A 108 26.09 8.36 -5.17
CA SER A 108 24.67 8.16 -4.91
C SER A 108 23.82 8.35 -6.17
N ASP A 109 24.30 9.08 -7.18
CA ASP A 109 23.52 9.28 -8.40
C ASP A 109 23.23 7.98 -9.12
N ASN A 110 24.07 6.96 -8.94
CA ASN A 110 24.09 5.79 -9.82
C ASN A 110 23.37 4.58 -9.25
N TRP A 111 22.24 4.82 -8.60
CA TRP A 111 21.36 3.80 -8.04
C TRP A 111 19.94 4.26 -8.32
N PHE A 112 18.95 3.41 -8.03
CA PHE A 112 17.56 3.80 -8.29
C PHE A 112 17.14 4.90 -7.32
N ASP A 113 17.01 6.14 -7.81
CA ASP A 113 16.62 7.26 -6.97
C ASP A 113 16.31 8.50 -7.80
N PRO A 114 15.09 9.07 -7.69
CA PRO A 114 13.96 8.49 -6.95
C PRO A 114 13.20 7.48 -7.77
N TRP A 115 12.09 6.97 -7.22
CA TRP A 115 11.19 6.09 -7.93
C TRP A 115 9.86 6.80 -8.19
N GLY A 116 9.20 6.43 -9.28
CA GLY A 116 7.81 6.83 -9.47
C GLY A 116 6.91 6.15 -8.45
N GLN A 117 5.63 6.55 -8.42
CA GLN A 117 4.71 6.02 -7.42
C GLN A 117 4.17 4.64 -7.78
N GLY A 118 4.46 4.16 -8.98
CA GLY A 118 4.03 2.86 -9.48
C GLY A 118 2.69 2.92 -10.19
N THR A 119 2.51 2.01 -11.15
CA THR A 119 1.28 1.88 -11.91
C THR A 119 0.86 0.42 -11.86
N LEU A 120 -0.33 0.15 -11.31
CA LEU A 120 -0.84 -1.22 -11.22
C LEU A 120 -1.52 -1.59 -12.53
N VAL A 121 -0.97 -2.58 -13.23
CA VAL A 121 -1.56 -3.12 -14.45
C VAL A 121 -2.14 -4.48 -14.11
N THR A 122 -3.46 -4.62 -14.30
CA THR A 122 -4.17 -5.86 -14.06
C THR A 122 -4.51 -6.48 -15.41
N VAL A 123 -4.05 -7.69 -15.66
CA VAL A 123 -4.32 -8.40 -16.92
C VAL A 123 -5.51 -9.32 -16.67
N PHE A 124 -6.67 -8.96 -17.23
CA PHE A 124 -7.89 -9.73 -17.03
C PHE A 124 -8.93 -9.28 -18.05
N SER A 125 -9.84 -10.18 -18.40
CA SER A 125 -10.80 -9.89 -19.45
C SER A 125 -11.99 -9.05 -18.99
N ALA A 126 -12.13 -8.79 -17.70
CA ALA A 126 -13.30 -8.08 -17.19
C ALA A 126 -13.23 -6.59 -17.46
N SER A 127 -14.40 -5.96 -17.51
CA SER A 127 -14.51 -4.54 -17.77
C SER A 127 -14.28 -3.71 -16.50
N THR A 128 -13.80 -2.49 -16.68
CA THR A 128 -13.61 -1.57 -15.57
C THR A 128 -14.96 -1.17 -14.96
N LYS A 129 -14.98 -1.00 -13.64
CA LYS A 129 -16.19 -0.53 -12.97
C LYS A 129 -15.81 0.45 -11.86
N GLY A 130 -16.46 1.60 -11.84
CA GLY A 130 -16.15 2.62 -10.86
C GLY A 130 -16.92 2.41 -9.58
N PRO A 131 -16.37 2.88 -8.47
CA PRO A 131 -16.99 2.61 -7.16
C PRO A 131 -18.15 3.54 -6.83
N SER A 132 -19.01 3.05 -5.96
CA SER A 132 -19.92 3.90 -5.20
C SER A 132 -19.24 4.30 -3.90
N VAL A 133 -19.51 5.51 -3.43
CA VAL A 133 -18.90 6.03 -2.21
C VAL A 133 -20.02 6.42 -1.25
N PHE A 134 -20.02 5.81 -0.07
CA PHE A 134 -21.04 6.06 0.94
C PHE A 134 -20.41 6.57 2.22
N PRO A 135 -21.08 7.47 2.93
CA PRO A 135 -20.49 7.98 4.19
C PRO A 135 -20.62 6.96 5.31
N LEU A 136 -19.61 6.95 6.18
CA LEU A 136 -19.68 6.28 7.46
C LEU A 136 -19.79 7.39 8.50
N ALA A 137 -21.01 7.80 8.82
CA ALA A 137 -21.20 9.02 9.59
C ALA A 137 -20.86 8.80 11.07
N PRO A 138 -20.24 9.78 11.72
CA PRO A 138 -20.03 9.67 13.17
C PRO A 138 -21.38 9.77 13.87
N SER A 139 -21.55 8.94 14.91
CA SER A 139 -22.76 9.00 15.72
C SER A 139 -22.42 8.54 17.13
N SER A 140 -23.45 8.45 17.97
CA SER A 140 -23.23 7.98 19.34
C SER A 140 -22.67 6.56 19.37
N LYS A 141 -22.94 5.78 18.34
CA LYS A 141 -22.43 4.42 18.27
C LYS A 141 -21.01 4.33 17.71
N SER A 142 -20.43 5.46 17.28
CA SER A 142 -19.03 5.52 16.88
C SER A 142 -18.31 6.65 17.61
N THR A 143 -18.56 6.79 18.91
CA THR A 143 -17.92 7.81 19.75
C THR A 143 -17.56 7.17 21.08
N SER A 144 -16.26 6.95 21.32
CA SER A 144 -15.76 6.36 22.55
C SER A 144 -14.83 7.34 23.25
N GLY A 145 -15.16 7.68 24.50
CA GLY A 145 -14.21 8.38 25.36
C GLY A 145 -13.70 9.69 24.79
N GLY A 146 -14.57 10.46 24.16
CA GLY A 146 -14.18 11.74 23.61
C GLY A 146 -13.71 11.69 22.18
N THR A 147 -13.51 10.50 21.61
CA THR A 147 -13.11 10.37 20.21
C THR A 147 -14.28 9.84 19.40
N ALA A 148 -14.41 10.35 18.19
CA ALA A 148 -15.41 9.92 17.22
C ALA A 148 -14.69 9.30 16.02
N ALA A 149 -15.29 8.26 15.47
CA ALA A 149 -14.81 7.68 14.23
C ALA A 149 -15.78 7.99 13.11
N LEU A 150 -15.26 8.21 11.92
CA LEU A 150 -16.08 8.45 10.75
C LEU A 150 -15.29 7.95 9.54
N GLY A 151 -15.94 7.88 8.38
CA GLY A 151 -15.22 7.33 7.25
C GLY A 151 -16.03 7.33 5.97
N CYS A 152 -15.49 6.60 5.00
CA CYS A 152 -16.13 6.42 3.71
C CYS A 152 -16.00 4.97 3.30
N LEU A 153 -17.11 4.40 2.85
CA LEU A 153 -17.15 3.07 2.27
C LEU A 153 -17.09 3.20 0.75
N VAL A 154 -16.14 2.51 0.14
CA VAL A 154 -15.89 2.59 -1.29
C VAL A 154 -16.17 1.20 -1.84
N LYS A 155 -17.31 1.04 -2.50
CA LYS A 155 -17.87 -0.27 -2.79
C LYS A 155 -18.00 -0.52 -4.29
N ASP A 156 -17.72 -1.78 -4.68
CA ASP A 156 -18.03 -2.32 -6.01
C ASP A 156 -17.19 -1.68 -7.12
N TYR A 157 -15.88 -1.89 -7.10
CA TYR A 157 -15.05 -1.38 -8.18
C TYR A 157 -14.16 -2.49 -8.71
N PHE A 158 -13.64 -2.26 -9.92
CA PHE A 158 -12.73 -3.17 -10.59
C PHE A 158 -11.97 -2.41 -11.67
N PRO A 159 -10.65 -2.64 -11.83
CA PRO A 159 -9.82 -3.46 -10.96
C PRO A 159 -9.33 -2.65 -9.77
N GLU A 160 -8.40 -3.17 -8.98
CA GLU A 160 -7.70 -2.32 -8.05
C GLU A 160 -6.83 -1.33 -8.83
N PRO A 161 -6.43 -0.21 -8.22
CA PRO A 161 -6.74 0.20 -6.86
C PRO A 161 -7.61 1.44 -6.79
N VAL A 162 -8.11 1.71 -5.60
CA VAL A 162 -8.64 3.02 -5.27
CA VAL A 162 -8.68 3.00 -5.24
C VAL A 162 -7.73 3.66 -4.25
N THR A 163 -7.61 4.98 -4.33
CA THR A 163 -6.90 5.75 -3.32
C THR A 163 -7.91 6.62 -2.59
N VAL A 164 -7.65 6.87 -1.30
CA VAL A 164 -8.49 7.75 -0.53
C VAL A 164 -7.60 8.75 0.19
N SER A 165 -7.90 10.03 0.04
CA SER A 165 -7.34 11.04 0.91
C SER A 165 -8.47 11.71 1.67
N TRP A 166 -8.11 12.50 2.68
CA TRP A 166 -9.08 13.24 3.48
C TRP A 166 -8.74 14.73 3.43
N ASN A 167 -9.75 15.55 3.20
CA ASN A 167 -9.60 17.01 3.07
C ASN A 167 -8.44 17.36 2.16
N SER A 168 -8.38 16.68 1.01
CA SER A 168 -7.41 16.94 -0.05
C SER A 168 -5.97 16.80 0.44
N GLY A 169 -5.75 15.92 1.41
CA GLY A 169 -4.42 15.64 1.91
C GLY A 169 -4.08 16.34 3.21
N ALA A 170 -4.91 17.30 3.64
CA ALA A 170 -4.65 18.05 4.86
C ALA A 170 -4.93 17.25 6.12
N LEU A 171 -5.69 16.17 6.03
CA LEU A 171 -6.01 15.33 7.18
C LEU A 171 -5.36 13.97 6.96
N THR A 172 -4.34 13.66 7.77
CA THR A 172 -3.65 12.38 7.63
C THR A 172 -3.57 11.65 8.96
N SER A 173 -3.53 12.39 10.07
CA SER A 173 -3.39 11.76 11.37
C SER A 173 -4.63 10.92 11.68
N GLY A 174 -4.39 9.70 12.16
CA GLY A 174 -5.49 8.84 12.56
C GLY A 174 -6.26 8.20 11.43
N VAL A 175 -5.80 8.35 10.19
CA VAL A 175 -6.51 7.77 9.04
C VAL A 175 -6.08 6.31 8.89
N HIS A 176 -7.05 5.42 8.68
CA HIS A 176 -6.75 4.05 8.28
C HIS A 176 -7.55 3.77 7.03
N THR A 177 -6.86 3.48 5.93
CA THR A 177 -7.53 3.04 4.72
C THR A 177 -7.25 1.55 4.55
N PHE A 178 -8.30 0.75 4.62
CA PHE A 178 -8.11 -0.68 4.73
C PHE A 178 -7.74 -1.31 3.38
N PRO A 179 -7.00 -2.41 3.40
CA PRO A 179 -6.84 -3.21 2.19
C PRO A 179 -8.20 -3.62 1.64
N ALA A 180 -8.29 -3.64 0.31
CA ALA A 180 -9.54 -4.04 -0.32
C ALA A 180 -9.89 -5.49 0.03
N VAL A 181 -11.19 -5.78 0.06
CA VAL A 181 -11.64 -7.17 0.08
C VAL A 181 -12.19 -7.50 -1.29
N LEU A 182 -12.08 -8.77 -1.65
CA LEU A 182 -12.69 -9.28 -2.86
C LEU A 182 -14.07 -9.82 -2.51
N GLN A 183 -15.10 -9.20 -3.07
CA GLN A 183 -16.46 -9.68 -2.85
C GLN A 183 -16.78 -10.83 -3.79
N SER A 184 -17.78 -11.63 -3.42
CA SER A 184 -18.14 -12.78 -4.23
C SER A 184 -18.55 -12.38 -5.66
N SER A 185 -19.00 -11.13 -5.84
CA SER A 185 -19.31 -10.64 -7.18
C SER A 185 -18.08 -10.51 -8.07
N GLY A 186 -16.88 -10.57 -7.49
CA GLY A 186 -15.67 -10.29 -8.22
C GLY A 186 -15.23 -8.83 -8.16
N LEU A 187 -16.02 -7.97 -7.51
CA LEU A 187 -15.70 -6.56 -7.36
C LEU A 187 -15.05 -6.33 -6.00
N TYR A 188 -14.28 -5.26 -5.92
CA TYR A 188 -13.60 -4.91 -4.67
C TYR A 188 -14.40 -3.90 -3.86
N SER A 189 -14.07 -3.86 -2.57
CA SER A 189 -14.66 -2.91 -1.64
C SER A 189 -13.62 -2.59 -0.58
N LEU A 190 -13.57 -1.33 -0.14
CA LEU A 190 -12.75 -0.99 1.01
C LEU A 190 -13.42 0.15 1.77
N SER A 191 -12.94 0.39 2.98
CA SER A 191 -13.34 1.55 3.76
CA SER A 191 -13.34 1.56 3.74
C SER A 191 -12.10 2.32 4.17
N SER A 192 -12.27 3.63 4.36
CA SER A 192 -11.25 4.48 4.91
C SER A 192 -11.89 5.19 6.10
N VAL A 193 -11.22 5.17 7.25
CA VAL A 193 -11.79 5.74 8.47
C VAL A 193 -10.76 6.67 9.11
N VAL A 194 -11.25 7.53 10.00
CA VAL A 194 -10.40 8.44 10.74
C VAL A 194 -11.05 8.66 12.10
N THR A 195 -10.22 8.84 13.12
CA THR A 195 -10.71 9.22 14.45
C THR A 195 -10.38 10.67 14.70
N VAL A 196 -11.35 11.38 15.29
CA VAL A 196 -11.27 12.83 15.48
C VAL A 196 -11.89 13.16 16.84
N PRO A 197 -11.71 14.38 17.37
CA PRO A 197 -12.41 14.74 18.61
C PRO A 197 -13.91 14.74 18.38
N SER A 198 -14.67 14.17 19.33
CA SER A 198 -16.12 14.27 19.27
CA SER A 198 -16.11 14.27 19.20
C SER A 198 -16.58 15.70 19.43
N SER A 199 -15.80 16.50 20.19
CA SER A 199 -16.22 17.85 20.58
C SER A 199 -16.42 18.78 19.40
N SER A 200 -15.84 18.48 18.24
CA SER A 200 -15.81 19.43 17.14
C SER A 200 -16.45 18.89 15.87
N LEU A 201 -17.29 17.85 15.97
CA LEU A 201 -18.04 17.39 14.81
C LEU A 201 -18.94 18.50 14.25
N GLY A 202 -19.32 19.46 15.07
CA GLY A 202 -20.17 20.54 14.60
C GLY A 202 -19.45 21.64 13.85
N THR A 203 -18.11 21.70 13.93
CA THR A 203 -17.37 22.82 13.36
C THR A 203 -16.33 22.43 12.32
N GLN A 204 -15.85 21.19 12.33
CA GLN A 204 -14.87 20.74 11.35
C GLN A 204 -15.60 20.09 10.17
N THR A 205 -14.98 20.17 9.00
CA THR A 205 -15.51 19.54 7.80
C THR A 205 -14.59 18.39 7.40
N TYR A 206 -15.19 17.22 7.17
CA TYR A 206 -14.45 16.01 6.83
C TYR A 206 -14.94 15.52 5.48
N ILE A 207 -14.05 15.52 4.49
CA ILE A 207 -14.39 15.12 3.14
C ILE A 207 -13.39 14.05 2.70
N CYS A 208 -13.88 12.91 2.24
CA CYS A 208 -12.99 11.89 1.70
C CYS A 208 -12.91 12.08 0.19
N ASN A 209 -11.69 12.03 -0.33
CA ASN A 209 -11.44 12.20 -1.77
C ASN A 209 -11.08 10.82 -2.32
N VAL A 210 -11.98 10.25 -3.11
CA VAL A 210 -11.82 8.89 -3.64
C VAL A 210 -11.42 8.99 -5.10
N ASN A 211 -10.38 8.24 -5.48
CA ASN A 211 -9.93 8.20 -6.87
C ASN A 211 -9.83 6.75 -7.31
N HIS A 212 -10.50 6.41 -8.40
CA HIS A 212 -10.36 5.12 -9.05
C HIS A 212 -9.93 5.43 -10.48
N LYS A 213 -8.62 5.49 -10.70
CA LYS A 213 -8.13 5.92 -12.01
C LYS A 213 -8.56 5.02 -13.17
N PRO A 214 -8.61 3.68 -13.04
CA PRO A 214 -9.00 2.88 -14.21
C PRO A 214 -10.32 3.30 -14.83
N SER A 215 -11.26 3.80 -14.03
CA SER A 215 -12.56 4.24 -14.50
C SER A 215 -12.68 5.76 -14.57
N ASN A 216 -11.59 6.49 -14.30
CA ASN A 216 -11.62 7.94 -14.25
C ASN A 216 -12.71 8.45 -13.31
N THR A 217 -12.87 7.76 -12.18
CA THR A 217 -13.83 8.14 -11.16
C THR A 217 -13.12 8.93 -10.07
N LYS A 218 -13.60 10.14 -9.83
CA LYS A 218 -13.14 10.96 -8.71
C LYS A 218 -14.37 11.43 -7.94
N VAL A 219 -14.42 11.10 -6.66
CA VAL A 219 -15.58 11.41 -5.81
C VAL A 219 -15.08 12.10 -4.55
N ASP A 220 -15.64 13.27 -4.26
CA ASP A 220 -15.46 13.93 -2.98
C ASP A 220 -16.76 13.77 -2.20
N LYS A 221 -16.67 13.17 -1.01
CA LYS A 221 -17.84 12.89 -0.19
C LYS A 221 -17.70 13.56 1.18
N LYS A 222 -18.61 14.49 1.47
CA LYS A 222 -18.65 15.11 2.79
C LYS A 222 -19.32 14.17 3.79
N VAL A 223 -18.65 13.95 4.92
CA VAL A 223 -19.14 13.05 5.96
C VAL A 223 -19.51 13.88 7.18
N GLU A 224 -20.77 13.82 7.56
CA GLU A 224 -21.32 14.65 8.61
C GLU A 224 -22.15 13.79 9.55
N PRO A 225 -22.31 14.21 10.81
CA PRO A 225 -23.21 13.48 11.69
C PRO A 225 -24.61 13.46 11.12
N LYS A 226 -25.31 12.35 11.32
CA LYS A 226 -26.69 12.23 10.86
C LYS A 226 -27.63 12.94 11.82
N SER A 227 -28.50 13.80 11.28
CA SER A 227 -29.46 14.53 12.11
C SER A 227 -30.54 13.61 12.69
N ASP B 1 23.24 -14.81 -14.56
CA ASP B 1 22.76 -13.71 -13.72
C ASP B 1 23.19 -13.91 -12.30
N ILE B 2 23.25 -12.81 -11.55
CA ILE B 2 23.68 -12.85 -10.16
C ILE B 2 22.45 -13.01 -9.28
N GLN B 3 22.42 -14.06 -8.47
CA GLN B 3 21.33 -14.28 -7.54
C GLN B 3 21.67 -13.68 -6.18
N MET B 4 20.72 -12.95 -5.61
CA MET B 4 20.87 -12.34 -4.29
C MET B 4 19.95 -13.06 -3.32
N THR B 5 20.53 -13.59 -2.24
CA THR B 5 19.79 -14.36 -1.24
C THR B 5 19.77 -13.59 0.07
N GLN B 6 18.58 -13.18 0.49
CA GLN B 6 18.40 -12.42 1.72
C GLN B 6 17.97 -13.31 2.87
N SER B 7 18.42 -12.97 4.07
CA SER B 7 17.94 -13.69 5.25
C SER B 7 17.94 -12.74 6.44
N PRO B 8 16.96 -12.86 7.35
CA PRO B 8 15.84 -13.79 7.25
C PRO B 8 14.79 -13.24 6.29
N SER B 9 13.78 -14.05 5.93
CA SER B 9 12.68 -13.53 5.13
CA SER B 9 12.69 -13.51 5.12
C SER B 9 11.79 -12.58 5.93
N SER B 10 11.77 -12.74 7.25
CA SER B 10 10.98 -11.89 8.11
C SER B 10 11.58 -11.93 9.51
N VAL B 11 11.41 -10.83 10.24
CA VAL B 11 11.91 -10.76 11.60
C VAL B 11 10.97 -9.86 12.40
N SER B 12 10.64 -10.27 13.62
CA SER B 12 9.89 -9.46 14.57
C SER B 12 10.85 -8.94 15.63
N ALA B 13 10.84 -7.63 15.86
CA ALA B 13 11.73 -7.03 16.84
C ALA B 13 11.02 -5.90 17.57
N SER B 14 11.60 -5.49 18.70
CA SER B 14 11.04 -4.45 19.54
C SER B 14 11.67 -3.10 19.24
N VAL B 15 10.93 -2.03 19.55
CA VAL B 15 11.48 -0.69 19.42
C VAL B 15 12.72 -0.59 20.30
N GLY B 16 13.81 -0.10 19.71
CA GLY B 16 15.08 -0.03 20.41
C GLY B 16 16.03 -1.18 20.13
N ASP B 17 15.55 -2.25 19.50
CA ASP B 17 16.42 -3.39 19.20
C ASP B 17 17.43 -3.04 18.10
N ARG B 18 18.57 -3.74 18.13
CA ARG B 18 19.50 -3.74 17.01
C ARG B 18 19.16 -4.92 16.12
N LEU B 19 18.92 -4.65 14.85
CA LEU B 19 18.46 -5.65 13.90
C LEU B 19 19.50 -5.80 12.80
N THR B 20 19.80 -7.04 12.40
CA THR B 20 20.71 -7.27 11.28
C THR B 20 20.05 -8.14 10.21
N ILE B 21 20.24 -7.74 8.96
CA ILE B 21 19.67 -8.41 7.80
C ILE B 21 20.82 -8.70 6.85
N THR B 22 20.87 -9.92 6.31
CA THR B 22 22.00 -10.28 5.48
C THR B 22 21.57 -10.54 4.05
N CYS B 23 22.53 -10.38 3.16
CA CYS B 23 22.32 -10.58 1.73
C CYS B 23 23.59 -11.21 1.18
N ARG B 24 23.44 -12.35 0.50
CA ARG B 24 24.57 -13.09 -0.06
C ARG B 24 24.44 -13.11 -1.57
N ALA B 25 25.49 -12.67 -2.26
CA ALA B 25 25.53 -12.72 -3.71
C ALA B 25 26.10 -14.05 -4.18
N SER B 26 25.61 -14.51 -5.33
CA SER B 26 26.06 -15.79 -5.87
C SER B 26 27.49 -15.74 -6.40
N GLN B 27 28.06 -14.55 -6.53
CA GLN B 27 29.43 -14.36 -6.96
C GLN B 27 29.88 -12.99 -6.46
N GLY B 28 31.20 -12.78 -6.49
CA GLY B 28 31.75 -11.52 -5.99
C GLY B 28 31.26 -10.30 -6.73
N ILE B 29 30.80 -9.29 -5.98
CA ILE B 29 30.28 -8.06 -6.58
C ILE B 29 30.96 -6.86 -5.93
N SER B 30 32.14 -7.08 -5.33
CA SER B 30 32.88 -6.04 -4.61
C SER B 30 31.96 -5.24 -3.71
N SER B 31 31.86 -3.93 -3.95
CA SER B 31 30.97 -3.07 -3.17
C SER B 31 29.73 -2.62 -3.93
N TRP B 32 29.42 -3.25 -5.08
CA TRP B 32 28.30 -2.84 -5.93
C TRP B 32 26.95 -3.34 -5.38
N LEU B 33 26.59 -2.88 -4.19
CA LEU B 33 25.39 -3.34 -3.51
C LEU B 33 24.65 -2.15 -2.90
N ALA B 34 23.32 -2.17 -2.97
CA ALA B 34 22.52 -1.14 -2.31
C ALA B 34 21.43 -1.81 -1.48
N TRP B 35 20.87 -1.05 -0.55
CA TRP B 35 19.75 -1.46 0.28
C TRP B 35 18.62 -0.45 0.12
N TYR B 36 17.40 -0.96 -0.08
CA TYR B 36 16.19 -0.16 -0.23
C TYR B 36 15.19 -0.51 0.86
N GLN B 37 14.38 0.48 1.23
CA GLN B 37 13.27 0.30 2.16
C GLN B 37 11.97 0.53 1.40
N GLN B 38 11.03 -0.40 1.54
CA GLN B 38 9.71 -0.22 0.95
C GLN B 38 8.67 -0.23 2.07
N LYS B 39 8.15 0.95 2.41
CA LYS B 39 7.09 1.09 3.39
C LYS B 39 5.75 0.73 2.73
N PRO B 40 4.74 0.42 3.53
CA PRO B 40 3.47 -0.03 2.94
C PRO B 40 2.85 1.02 2.00
N GLY B 41 2.46 0.57 0.82
CA GLY B 41 1.81 1.44 -0.14
C GLY B 41 2.74 2.39 -0.86
N LYS B 42 4.05 2.27 -0.67
CA LYS B 42 5.01 3.22 -1.20
C LYS B 42 5.99 2.52 -2.14
N ALA B 43 6.65 3.33 -2.96
CA ALA B 43 7.76 2.85 -3.76
C ALA B 43 8.97 2.60 -2.86
N PRO B 44 9.89 1.72 -3.28
CA PRO B 44 11.14 1.57 -2.53
C PRO B 44 11.91 2.88 -2.50
N LYS B 45 12.76 3.00 -1.48
CA LYS B 45 13.57 4.19 -1.27
C LYS B 45 15.01 3.77 -0.94
N LEU B 46 15.97 4.38 -1.62
CA LEU B 46 17.37 4.06 -1.38
C LEU B 46 17.80 4.46 0.04
N LEU B 47 18.38 3.51 0.77
CA LEU B 47 18.94 3.77 2.10
C LEU B 47 20.46 3.84 2.09
N ILE B 48 21.08 2.82 1.51
CA ILE B 48 22.52 2.57 1.55
C ILE B 48 22.95 2.21 0.15
N TYR B 49 24.06 2.78 -0.32
CA TYR B 49 24.62 2.40 -1.60
C TYR B 49 26.11 2.15 -1.46
N ALA B 50 26.69 1.45 -2.43
CA ALA B 50 28.11 1.10 -2.39
C ALA B 50 28.44 0.35 -1.11
N ALA B 51 27.49 -0.49 -0.68
CA ALA B 51 27.58 -1.37 0.49
C ALA B 51 27.48 -0.63 1.82
N SER B 52 28.11 0.54 1.94
CA SER B 52 28.20 1.17 3.26
C SER B 52 27.98 2.69 3.27
N SER B 53 27.65 3.31 2.14
CA SER B 53 27.46 4.75 2.10
C SER B 53 26.01 5.11 2.40
N LEU B 54 25.81 6.09 3.28
CA LEU B 54 24.49 6.50 3.72
C LEU B 54 23.90 7.49 2.71
N GLN B 55 22.72 7.18 2.18
CA GLN B 55 22.02 8.12 1.31
C GLN B 55 21.65 9.38 2.09
N SER B 56 21.81 10.53 1.44
CA SER B 56 21.48 11.81 2.07
C SER B 56 20.05 11.80 2.58
N GLY B 57 19.86 12.32 3.79
CA GLY B 57 18.53 12.44 4.37
C GLY B 57 18.00 11.20 5.05
N VAL B 58 18.69 10.07 4.93
CA VAL B 58 18.24 8.81 5.55
C VAL B 58 18.74 8.78 6.99
N PRO B 59 17.92 8.35 7.95
CA PRO B 59 18.39 8.32 9.35
C PRO B 59 19.61 7.41 9.48
N SER B 60 20.57 7.86 10.31
CA SER B 60 21.84 7.15 10.38
C SER B 60 21.77 5.86 11.18
N ARG B 61 20.62 5.54 11.80
CA ARG B 61 20.47 4.21 12.38
C ARG B 61 20.47 3.09 11.33
N PHE B 62 20.25 3.43 10.06
CA PHE B 62 20.41 2.46 8.96
C PHE B 62 21.84 2.50 8.46
N SER B 63 22.53 1.37 8.54
CA SER B 63 23.91 1.33 8.06
C SER B 63 24.16 0.03 7.32
N GLY B 64 25.18 0.02 6.48
CA GLY B 64 25.53 -1.17 5.74
C GLY B 64 27.00 -1.50 5.89
N SER B 65 27.30 -2.78 5.71
CA SER B 65 28.67 -3.27 5.78
CA SER B 65 28.66 -3.28 5.80
C SER B 65 28.79 -4.50 4.90
N GLY B 66 30.03 -4.86 4.60
CA GLY B 66 30.34 -6.03 3.82
C GLY B 66 30.94 -5.69 2.46
N SER B 67 31.56 -6.70 1.87
CA SER B 67 32.17 -6.58 0.54
CA SER B 67 32.17 -6.58 0.54
C SER B 67 32.38 -8.00 0.00
N GLY B 68 32.26 -8.12 -1.32
CA GLY B 68 32.46 -9.42 -1.95
C GLY B 68 31.16 -10.15 -2.15
N THR B 69 30.85 -11.10 -1.27
CA THR B 69 29.58 -11.83 -1.38
C THR B 69 28.65 -11.67 -0.18
N ASP B 70 29.11 -11.17 0.96
CA ASP B 70 28.32 -11.16 2.19
C ASP B 70 28.12 -9.73 2.66
N PHE B 71 26.86 -9.32 2.78
CA PHE B 71 26.51 -7.94 3.09
C PHE B 71 25.49 -7.93 4.22
N THR B 72 25.53 -6.86 5.01
CA THR B 72 24.67 -6.74 6.18
C THR B 72 24.06 -5.36 6.23
N LEU B 73 22.73 -5.31 6.35
CA LEU B 73 22.02 -4.10 6.70
C LEU B 73 21.77 -4.13 8.20
N THR B 74 22.16 -3.06 8.88
CA THR B 74 21.97 -2.92 10.31
C THR B 74 20.99 -1.80 10.58
N ILE B 75 20.03 -2.04 11.47
CA ILE B 75 19.24 -0.98 12.07
C ILE B 75 19.64 -0.96 13.55
N SER B 76 20.33 0.11 13.96
CA SER B 76 20.98 0.12 15.27
C SER B 76 20.00 0.30 16.41
N SER B 77 18.81 0.86 16.13
CA SER B 77 17.89 1.25 17.20
C SER B 77 16.50 1.34 16.56
N LEU B 78 15.80 0.21 16.51
CA LEU B 78 14.61 0.10 15.68
C LEU B 78 13.53 1.07 16.14
N GLN B 79 12.85 1.69 15.17
CA GLN B 79 11.77 2.64 15.42
C GLN B 79 10.48 2.11 14.83
N PRO B 80 9.31 2.54 15.34
CA PRO B 80 8.05 2.03 14.78
C PRO B 80 7.92 2.32 13.30
N GLU B 81 8.42 3.46 12.84
CA GLU B 81 8.29 3.77 11.42
C GLU B 81 9.21 2.91 10.54
N ASP B 82 10.00 2.01 11.11
CA ASP B 82 10.85 1.12 10.32
C ASP B 82 10.12 -0.14 9.89
N PHE B 83 8.85 -0.29 10.27
CA PHE B 83 8.02 -1.34 9.72
C PHE B 83 8.00 -1.22 8.20
N ALA B 84 8.52 -2.23 7.50
CA ALA B 84 8.77 -2.10 6.07
C ALA B 84 9.39 -3.41 5.58
N THR B 85 9.52 -3.53 4.27
CA THR B 85 10.28 -4.62 3.66
C THR B 85 11.56 -4.02 3.09
N TYR B 86 12.68 -4.67 3.37
CA TYR B 86 14.00 -4.20 2.98
C TYR B 86 14.57 -5.13 1.91
N TYR B 87 15.16 -4.54 0.87
CA TYR B 87 15.68 -5.29 -0.27
C TYR B 87 17.13 -4.90 -0.53
N CYS B 88 17.97 -5.90 -0.78
CA CYS B 88 19.29 -5.61 -1.33
C CYS B 88 19.22 -5.67 -2.85
N GLN B 89 20.21 -5.03 -3.48
CA GLN B 89 20.26 -4.98 -4.94
C GLN B 89 21.72 -4.89 -5.38
N GLN B 90 22.11 -5.73 -6.34
CA GLN B 90 23.45 -5.64 -6.90
C GLN B 90 23.39 -4.86 -8.21
N ALA B 91 24.43 -4.07 -8.44
CA ALA B 91 24.61 -3.32 -9.69
C ALA B 91 25.92 -3.70 -10.35
N ASN B 92 26.52 -4.82 -9.96
CA ASN B 92 27.78 -5.26 -10.56
C ASN B 92 27.59 -5.60 -12.04
N SER B 93 26.46 -6.21 -12.39
CA SER B 93 26.29 -6.70 -13.74
C SER B 93 24.80 -6.72 -14.09
N PHE B 94 24.50 -6.35 -15.33
CA PHE B 94 23.13 -6.48 -15.81
C PHE B 94 22.84 -7.95 -16.16
N PRO B 95 21.64 -8.45 -15.87
CA PRO B 95 20.54 -7.68 -15.25
C PRO B 95 20.77 -7.37 -13.79
N TRP B 96 20.45 -6.15 -13.38
CA TRP B 96 20.46 -5.81 -11.96
C TRP B 96 19.39 -6.64 -11.25
N THR B 97 19.74 -7.19 -10.10
CA THR B 97 18.87 -8.14 -9.42
C THR B 97 18.74 -7.78 -7.95
N PHE B 98 17.60 -8.16 -7.36
CA PHE B 98 17.26 -7.88 -5.98
C PHE B 98 17.19 -9.15 -5.15
N GLY B 99 17.48 -9.01 -3.85
CA GLY B 99 17.11 -10.05 -2.91
C GLY B 99 15.60 -10.16 -2.80
N GLN B 100 15.14 -11.26 -2.19
CA GLN B 100 13.71 -11.52 -2.09
C GLN B 100 13.01 -10.60 -1.09
N GLY B 101 13.76 -9.85 -0.29
CA GLY B 101 13.19 -8.94 0.67
C GLY B 101 13.09 -9.54 2.06
N THR B 102 13.22 -8.68 3.07
CA THR B 102 13.08 -9.05 4.47
C THR B 102 12.00 -8.16 5.06
N LYS B 103 10.93 -8.78 5.56
CA LYS B 103 9.82 -8.09 6.19
C LYS B 103 10.16 -7.86 7.65
N VAL B 104 10.12 -6.61 8.10
CA VAL B 104 10.39 -6.26 9.50
C VAL B 104 9.07 -5.91 10.17
N GLU B 105 8.72 -6.64 11.22
CA GLU B 105 7.52 -6.39 12.01
C GLU B 105 7.91 -5.97 13.43
N ILE B 106 7.01 -5.24 14.09
CA ILE B 106 7.33 -4.58 15.36
C ILE B 106 6.54 -5.25 16.48
N LYS B 107 7.26 -5.76 17.49
CA LYS B 107 6.63 -6.23 18.72
C LYS B 107 6.39 -5.05 19.66
N ARG B 108 5.25 -5.06 20.34
CA ARG B 108 4.92 -3.99 21.28
C ARG B 108 3.98 -4.57 22.34
N THR B 109 3.57 -3.70 23.28
CA THR B 109 2.68 -4.14 24.36
C THR B 109 1.27 -4.36 23.84
N VAL B 110 0.51 -5.16 24.59
CA VAL B 110 -0.90 -5.37 24.27
C VAL B 110 -1.64 -4.04 24.29
N ALA B 111 -2.58 -3.89 23.35
CA ALA B 111 -3.42 -2.70 23.28
C ALA B 111 -4.82 -3.13 22.89
N ALA B 112 -5.81 -2.74 23.69
CA ALA B 112 -7.18 -3.11 23.40
C ALA B 112 -7.76 -2.25 22.28
N PRO B 113 -8.62 -2.82 21.45
CA PRO B 113 -9.26 -2.01 20.41
C PRO B 113 -10.28 -1.05 20.99
N SER B 114 -10.46 0.07 20.30
CA SER B 114 -11.67 0.87 20.44
C SER B 114 -12.63 0.39 19.36
N VAL B 115 -13.91 0.27 19.70
CA VAL B 115 -14.88 -0.36 18.81
C VAL B 115 -15.95 0.65 18.44
N PHE B 116 -16.24 0.74 17.14
CA PHE B 116 -17.22 1.66 16.59
C PHE B 116 -18.09 0.90 15.61
N ILE B 117 -19.38 1.24 15.53
CA ILE B 117 -20.28 0.60 14.58
C ILE B 117 -21.01 1.67 13.77
N PHE B 118 -21.19 1.40 12.48
CA PHE B 118 -21.83 2.34 11.55
C PHE B 118 -23.03 1.67 10.88
N PRO B 119 -24.25 2.17 11.06
CA PRO B 119 -25.37 1.69 10.25
C PRO B 119 -25.16 2.02 8.80
N PRO B 120 -25.93 1.41 7.89
CA PRO B 120 -25.81 1.79 6.48
C PRO B 120 -26.29 3.21 6.24
N SER B 121 -25.73 3.85 5.23
CA SER B 121 -26.17 5.18 4.86
C SER B 121 -27.52 5.12 4.17
N ASP B 122 -28.29 6.20 4.33
CA ASP B 122 -29.55 6.31 3.60
C ASP B 122 -29.34 6.23 2.10
N GLU B 123 -28.22 6.80 1.62
CA GLU B 123 -27.94 6.76 0.18
C GLU B 123 -27.78 5.33 -0.31
N GLN B 124 -27.03 4.50 0.42
CA GLN B 124 -26.86 3.11 -0.01
C GLN B 124 -28.17 2.34 0.07
N LEU B 125 -28.92 2.51 1.16
CA LEU B 125 -30.20 1.82 1.29
C LEU B 125 -31.09 2.07 0.08
N LYS B 126 -31.07 3.30 -0.45
CA LYS B 126 -31.85 3.61 -1.64
C LYS B 126 -31.47 2.68 -2.79
N SER B 127 -30.20 2.29 -2.88
CA SER B 127 -29.74 1.40 -3.94
C SER B 127 -30.14 -0.06 -3.72
N GLY B 128 -30.71 -0.40 -2.56
CA GLY B 128 -31.18 -1.75 -2.30
C GLY B 128 -30.26 -2.63 -1.48
N THR B 129 -29.15 -2.10 -0.96
CA THR B 129 -28.18 -2.87 -0.22
C THR B 129 -27.84 -2.16 1.08
N ALA B 130 -27.55 -2.94 2.12
CA ALA B 130 -27.19 -2.41 3.44
C ALA B 130 -25.85 -3.00 3.85
N SER B 131 -24.85 -2.13 3.97
CA SER B 131 -23.54 -2.49 4.53
C SER B 131 -23.47 -1.93 5.94
N VAL B 132 -23.24 -2.80 6.92
CA VAL B 132 -23.05 -2.40 8.32
C VAL B 132 -21.58 -2.63 8.65
N VAL B 133 -20.92 -1.60 9.16
CA VAL B 133 -19.46 -1.66 9.34
C VAL B 133 -19.13 -1.59 10.82
N CYS B 134 -18.32 -2.54 11.28
CA CYS B 134 -17.76 -2.55 12.62
C CYS B 134 -16.26 -2.29 12.54
N LEU B 135 -15.80 -1.28 13.27
CA LEU B 135 -14.39 -0.89 13.27
C LEU B 135 -13.74 -1.23 14.61
N LEU B 136 -12.60 -1.92 14.53
CA LEU B 136 -11.74 -2.18 15.68
C LEU B 136 -10.49 -1.36 15.47
N ASN B 137 -10.26 -0.36 16.31
CA ASN B 137 -9.22 0.62 16.03
C ASN B 137 -8.05 0.48 17.00
N ASN B 138 -6.84 0.37 16.43
CA ASN B 138 -5.57 0.52 17.13
C ASN B 138 -5.40 -0.51 18.26
N PHE B 139 -5.30 -1.77 17.87
CA PHE B 139 -5.12 -2.85 18.83
C PHE B 139 -3.86 -3.65 18.54
N TYR B 140 -3.42 -4.43 19.54
CA TYR B 140 -2.26 -5.29 19.43
C TYR B 140 -2.37 -6.38 20.48
N PRO B 141 -2.09 -7.65 20.15
CA PRO B 141 -1.64 -8.19 18.86
C PRO B 141 -2.80 -8.33 17.87
N ARG B 142 -2.52 -8.90 16.70
CA ARG B 142 -3.47 -8.91 15.58
CA ARG B 142 -3.50 -8.87 15.61
C ARG B 142 -4.68 -9.80 15.86
N GLU B 143 -4.51 -10.83 16.67
CA GLU B 143 -5.58 -11.80 16.86
C GLU B 143 -6.79 -11.14 17.50
N ALA B 144 -7.93 -11.25 16.83
CA ALA B 144 -9.18 -10.63 17.28
C ALA B 144 -10.32 -11.45 16.70
N LYS B 145 -11.43 -11.48 17.43
CA LYS B 145 -12.61 -12.22 17.05
C LYS B 145 -13.78 -11.24 17.00
N VAL B 146 -14.43 -11.19 15.84
CA VAL B 146 -15.61 -10.33 15.64
C VAL B 146 -16.79 -11.23 15.34
N GLN B 147 -17.87 -11.03 16.08
CA GLN B 147 -19.10 -11.79 15.87
C GLN B 147 -20.23 -10.82 15.61
N TRP B 148 -20.98 -11.05 14.54
CA TRP B 148 -22.16 -10.24 14.24
C TRP B 148 -23.40 -10.92 14.82
N LYS B 149 -24.23 -10.14 15.51
CA LYS B 149 -25.52 -10.61 16.00
C LYS B 149 -26.61 -9.70 15.49
N VAL B 150 -27.67 -10.29 14.93
CA VAL B 150 -28.80 -9.57 14.38
C VAL B 150 -30.04 -10.06 15.12
N ASP B 151 -30.65 -9.18 15.90
CA ASP B 151 -31.73 -9.56 16.82
C ASP B 151 -31.31 -10.74 17.69
N ASN B 152 -30.09 -10.67 18.19
CA ASN B 152 -29.46 -11.66 19.06
C ASN B 152 -29.18 -12.98 18.37
N ALA B 153 -29.41 -13.08 17.06
CA ALA B 153 -29.10 -14.28 16.31
C ALA B 153 -27.70 -14.15 15.72
N LEU B 154 -26.83 -15.10 16.05
CA LEU B 154 -25.46 -15.08 15.53
C LEU B 154 -25.47 -15.24 14.03
N GLN B 155 -24.70 -14.40 13.35
CA GLN B 155 -24.62 -14.37 11.91
C GLN B 155 -23.45 -15.22 11.40
N SER B 156 -23.63 -15.81 10.23
CA SER B 156 -22.51 -16.44 9.55
C SER B 156 -22.73 -16.34 8.05
N GLY B 157 -21.65 -16.07 7.32
CA GLY B 157 -21.66 -16.13 5.87
C GLY B 157 -21.96 -14.84 5.17
N ASN B 158 -22.16 -13.74 5.91
CA ASN B 158 -22.55 -12.48 5.28
C ASN B 158 -21.65 -11.32 5.71
N SER B 159 -20.43 -11.61 6.16
CA SER B 159 -19.48 -10.56 6.52
C SER B 159 -18.11 -10.85 5.91
N GLN B 160 -17.34 -9.77 5.73
CA GLN B 160 -15.94 -9.84 5.36
C GLN B 160 -15.11 -8.91 6.24
N GLU B 161 -13.89 -9.34 6.54
CA GLU B 161 -12.95 -8.57 7.36
C GLU B 161 -11.73 -8.15 6.52
N SER B 162 -11.11 -7.07 6.96
CA SER B 162 -9.84 -6.59 6.41
C SER B 162 -9.05 -5.98 7.56
N VAL B 163 -7.75 -6.28 7.62
CA VAL B 163 -6.89 -5.70 8.66
C VAL B 163 -5.81 -4.85 8.01
N THR B 164 -5.45 -3.75 8.67
CA THR B 164 -4.37 -2.92 8.19
C THR B 164 -3.00 -3.55 8.48
N GLU B 165 -1.99 -3.05 7.80
CA GLU B 165 -0.61 -3.28 8.22
C GLU B 165 -0.36 -2.56 9.55
N GLN B 166 0.73 -2.91 10.24
CA GLN B 166 1.05 -2.23 11.48
C GLN B 166 1.21 -0.73 11.26
N ASP B 167 0.67 0.06 12.19
CA ASP B 167 0.73 1.52 12.09
C ASP B 167 2.17 2.02 12.22
N SER B 168 2.52 3.01 11.40
CA SER B 168 3.90 3.51 11.40
C SER B 168 4.27 4.30 12.65
N LYS B 169 3.30 4.72 13.45
CA LYS B 169 3.59 5.48 14.65
C LYS B 169 3.46 4.68 15.94
N ASP B 170 2.44 3.81 16.05
CA ASP B 170 2.23 3.09 17.29
C ASP B 170 2.19 1.58 17.12
N SER B 171 2.44 1.07 15.91
CA SER B 171 2.62 -0.36 15.63
C SER B 171 1.38 -1.19 15.87
N THR B 172 0.20 -0.56 15.99
CA THR B 172 -1.04 -1.31 16.19
C THR B 172 -1.65 -1.70 14.85
N TYR B 173 -2.67 -2.55 14.94
CA TYR B 173 -3.53 -2.92 13.82
C TYR B 173 -4.90 -2.28 13.98
N SER B 174 -5.60 -2.14 12.86
CA SER B 174 -7.01 -1.82 12.89
C SER B 174 -7.71 -2.78 11.94
N LEU B 175 -9.00 -2.99 12.19
CA LEU B 175 -9.73 -4.03 11.47
C LEU B 175 -11.13 -3.55 11.19
N SER B 176 -11.63 -3.81 9.98
CA SER B 176 -13.02 -3.54 9.66
C SER B 176 -13.72 -4.87 9.39
N SER B 177 -14.93 -5.01 9.91
CA SER B 177 -15.80 -6.12 9.54
C SER B 177 -17.06 -5.52 8.96
N THR B 178 -17.45 -5.95 7.76
CA THR B 178 -18.62 -5.41 7.09
C THR B 178 -19.66 -6.50 6.90
N LEU B 179 -20.83 -6.28 7.48
CA LEU B 179 -21.98 -7.16 7.29
C LEU B 179 -22.80 -6.62 6.13
N THR B 180 -23.05 -7.44 5.11
CA THR B 180 -23.76 -6.97 3.93
C THR B 180 -25.07 -7.72 3.77
N LEU B 181 -26.16 -6.96 3.68
CA LEU B 181 -27.51 -7.51 3.54
C LEU B 181 -28.24 -6.76 2.43
N SER B 182 -29.26 -7.42 1.88
CA SER B 182 -30.20 -6.69 1.06
C SER B 182 -30.96 -5.69 1.92
N LYS B 183 -31.45 -4.62 1.29
CA LYS B 183 -32.30 -3.68 2.01
C LYS B 183 -33.50 -4.38 2.64
N ALA B 184 -34.06 -5.38 1.94
CA ALA B 184 -35.23 -6.08 2.46
C ALA B 184 -34.89 -6.88 3.72
N ASP B 185 -33.77 -7.61 3.71
CA ASP B 185 -33.36 -8.35 4.88
C ASP B 185 -32.98 -7.41 6.02
N TYR B 186 -32.29 -6.31 5.70
CA TYR B 186 -31.96 -5.32 6.70
C TYR B 186 -33.21 -4.79 7.41
N GLU B 187 -34.26 -4.52 6.65
CA GLU B 187 -35.47 -3.96 7.22
C GLU B 187 -36.35 -5.01 7.89
N LYS B 188 -35.90 -6.26 7.98
CA LYS B 188 -36.63 -7.31 8.67
C LYS B 188 -36.16 -7.51 10.10
N HIS B 189 -35.17 -6.73 10.56
CA HIS B 189 -34.61 -6.89 11.89
C HIS B 189 -34.39 -5.52 12.52
N LYS B 190 -34.26 -5.51 13.85
CA LYS B 190 -34.08 -4.28 14.60
C LYS B 190 -32.65 -4.11 15.12
N VAL B 191 -32.16 -5.04 15.93
CA VAL B 191 -30.91 -4.85 16.66
C VAL B 191 -29.75 -5.42 15.86
N TYR B 192 -28.73 -4.58 15.60
CA TYR B 192 -27.53 -4.98 14.89
C TYR B 192 -26.34 -4.78 15.82
N ALA B 193 -25.58 -5.85 16.08
CA ALA B 193 -24.56 -5.83 17.11
C ALA B 193 -23.26 -6.44 16.62
N CYS B 194 -22.16 -5.82 17.01
CA CYS B 194 -20.81 -6.30 16.74
C CYS B 194 -20.16 -6.61 18.09
N GLU B 195 -19.81 -7.87 18.32
CA GLU B 195 -19.17 -8.30 19.56
C GLU B 195 -17.70 -8.58 19.29
N VAL B 196 -16.82 -7.92 20.05
CA VAL B 196 -15.38 -7.98 19.81
C VAL B 196 -14.71 -8.70 20.98
N THR B 197 -13.87 -9.69 20.67
CA THR B 197 -13.06 -10.38 21.67
C THR B 197 -11.59 -10.13 21.36
N HIS B 198 -10.82 -9.74 22.37
CA HIS B 198 -9.40 -9.45 22.17
C HIS B 198 -8.69 -9.59 23.51
N GLN B 199 -7.41 -9.98 23.45
CA GLN B 199 -6.62 -10.20 24.67
C GLN B 199 -6.57 -8.96 25.57
N GLY B 200 -6.61 -7.77 24.98
CA GLY B 200 -6.55 -6.54 25.77
C GLY B 200 -7.84 -6.16 26.46
N LEU B 201 -8.93 -6.88 26.22
CA LEU B 201 -10.22 -6.60 26.84
C LEU B 201 -10.49 -7.64 27.93
N SER B 202 -10.96 -7.17 29.09
CA SER B 202 -11.29 -8.08 30.18
C SER B 202 -12.47 -8.98 29.83
N SER B 203 -13.42 -8.45 29.06
CA SER B 203 -14.63 -9.13 28.66
C SER B 203 -14.93 -8.70 27.23
N PRO B 204 -15.64 -9.53 26.45
CA PRO B 204 -16.01 -9.10 25.09
C PRO B 204 -16.81 -7.81 25.11
N VAL B 205 -16.55 -6.97 24.11
CA VAL B 205 -17.16 -5.65 23.98
C VAL B 205 -18.19 -5.69 22.85
N THR B 206 -19.39 -5.22 23.12
CA THR B 206 -20.44 -5.17 22.11
C THR B 206 -20.80 -3.71 21.80
N LYS B 207 -20.85 -3.38 20.52
CA LYS B 207 -21.40 -2.11 20.04
C LYS B 207 -22.60 -2.43 19.17
N SER B 208 -23.73 -1.77 19.42
CA SER B 208 -24.93 -2.11 18.69
C SER B 208 -25.76 -0.85 18.44
N PHE B 209 -26.73 -1.01 17.54
CA PHE B 209 -27.70 0.04 17.28
C PHE B 209 -29.02 -0.61 16.90
N ASN B 210 -30.10 0.15 17.06
CA ASN B 210 -31.42 -0.26 16.60
C ASN B 210 -31.73 0.44 15.28
N ARG B 211 -32.11 -0.33 14.27
CA ARG B 211 -32.39 0.22 12.95
C ARG B 211 -33.40 1.36 13.04
N GLY B 212 -33.02 2.51 12.49
CA GLY B 212 -33.90 3.67 12.44
C GLY B 212 -33.92 4.54 13.67
N GLU B 213 -32.85 4.55 14.46
CA GLU B 213 -32.82 5.39 15.66
C GLU B 213 -31.52 6.19 15.75
C1 MLT C . 16.87 8.92 -30.69
O1 MLT C . 17.47 9.91 -30.20
O2 MLT C . 15.67 8.70 -30.38
C2 MLT C . 17.56 8.01 -31.65
O3 MLT C . 18.17 6.95 -30.94
C3 MLT C . 18.60 8.77 -32.45
C4 MLT C . 17.96 9.30 -33.71
O4 MLT C . 18.40 8.96 -34.83
O5 MLT C . 16.99 10.09 -33.66
C1 GOL D . 21.92 9.18 -19.62
O1 GOL D . 21.00 10.07 -20.11
C2 GOL D . 23.29 9.69 -20.06
O2 GOL D . 23.46 11.06 -19.80
C3 GOL D . 24.33 8.74 -19.40
O3 GOL D . 24.43 8.97 -18.00
C1 GOL E . 18.94 17.95 -8.84
O1 GOL E . 17.89 18.37 -9.69
C2 GOL E . 18.81 16.41 -8.73
O2 GOL E . 19.01 15.80 -9.93
C3 GOL E . 19.80 15.94 -7.67
O3 GOL E . 19.66 14.56 -7.63
C1 MLT F . 25.17 2.45 -22.39
O1 MLT F . 25.50 2.62 -21.20
O2 MLT F . 25.09 1.29 -22.87
C2 MLT F . 24.90 3.64 -23.24
O3 MLT F . 23.87 4.36 -22.63
C3 MLT F . 24.48 3.22 -24.65
C4 MLT F . 24.06 4.43 -25.45
O4 MLT F . 24.71 5.50 -25.40
O5 MLT F . 23.04 4.38 -26.19
CL CL G . -12.11 21.25 9.02
CL CL H . -27.19 8.74 5.16
CL CL I . 33.13 -15.20 -7.08
#